data_4OY4
#
_entry.id   4OY4
#
_cell.length_a   68.670
_cell.length_b   68.670
_cell.length_c   172.770
_cell.angle_alpha   90.00
_cell.angle_beta   90.00
_cell.angle_gamma   90.00
#
_symmetry.space_group_name_H-M   'P 43 21 2'
#
loop_
_entity.id
_entity.type
_entity.pdbx_description
1 polymer 'Chimera protein of Calmodulin, GPF-like protein EosFP, and Myosin light chain kinase'
2 non-polymer 'SULFATE ION'
3 non-polymer GLYCEROL
4 water water
#
_entity_poly.entity_id   1
_entity_poly.type   'polypeptide(L)'
_entity_poly.pdbx_seq_one_letter_code
;MHHHHHHGSDQLTEEQIAEFKEAFSLFDKDGDGTITTKELGTVMRSLGQNPTEAELQDMINEVDADGDGTIDFPEFLTMM
ARKMKDTDSEEEIREAFRVFDKDGNGYISAAELRHVMTNLGEKLTDEEVDEMIREADIDGDGQVNYEEFVQMMTAKLECE
KMYVRDGVLTGDIHMALLLEGNAHYRCDFRTTYKAKEKGVKLPGYHFVDHCIEILSHDKDYNKVKLYEHAVAHSGLPDNA
RRGGTGGSMVSAIKPDMKIKLRMEGNVNGHHFVIDGDGTGKPYEGKQTMDLEVKEGGPLPFAFDILTTAF(CR8)NRVFV
KYPDNIQDYFKQSFPKGYSWERSMTFEDGGICYARNDITMEGDTFYNKVRFYGTNFPANGPVMQKKTLKWMPSWTRSSRR
KWNKTGHAVRAIGRLSS
;
_entity_poly.pdbx_strand_id   A
#
# COMPACT_ATOMS: atom_id res chain seq x y z
N GLN A 11 -20.60 4.69 12.46
CA GLN A 11 -20.75 3.31 13.06
C GLN A 11 -22.05 2.64 12.60
N LEU A 12 -22.02 1.31 12.60
CA LEU A 12 -23.24 0.54 12.40
C LEU A 12 -24.17 0.86 13.53
N THR A 13 -25.46 0.82 13.22
CA THR A 13 -26.55 0.92 14.18
C THR A 13 -27.18 -0.46 14.23
N GLU A 14 -27.98 -0.70 15.26
CA GLU A 14 -28.81 -1.88 15.34
C GLU A 14 -29.72 -2.11 14.10
N GLU A 15 -30.28 -1.02 13.59
CA GLU A 15 -31.27 -1.08 12.48
C GLU A 15 -30.53 -1.53 11.21
N GLN A 16 -29.30 -1.03 11.02
CA GLN A 16 -28.50 -1.46 9.87
C GLN A 16 -28.10 -2.89 9.96
N ILE A 17 -27.73 -3.32 11.16
CA ILE A 17 -27.35 -4.70 11.32
C ILE A 17 -28.49 -5.58 11.02
N ALA A 18 -29.68 -5.22 11.45
CA ALA A 18 -30.83 -6.11 11.23
C ALA A 18 -31.17 -6.10 9.72
N GLU A 19 -30.94 -5.00 9.06
CA GLU A 19 -31.17 -4.94 7.60
C GLU A 19 -30.15 -5.81 6.84
N PHE A 20 -28.87 -5.73 7.25
CA PHE A 20 -27.87 -6.59 6.61
C PHE A 20 -28.14 -8.04 6.87
N LYS A 21 -28.61 -8.28 8.09
CA LYS A 21 -28.83 -9.62 8.48
C LYS A 21 -29.91 -10.34 7.66
N GLU A 22 -31.01 -9.66 7.49
CA GLU A 22 -32.09 -10.12 6.61
C GLU A 22 -31.61 -10.43 5.21
N ALA A 23 -30.87 -9.50 4.61
CA ALA A 23 -30.42 -9.68 3.22
C ALA A 23 -29.46 -10.87 3.13
N PHE A 24 -28.55 -10.97 4.10
CA PHE A 24 -27.57 -12.02 4.15
C PHE A 24 -28.29 -13.32 4.33
N SER A 25 -29.21 -13.39 5.31
CA SER A 25 -29.88 -14.66 5.63
C SER A 25 -30.62 -15.27 4.46
N LEU A 26 -31.19 -14.42 3.65
CA LEU A 26 -31.86 -14.91 2.41
C LEU A 26 -30.95 -15.77 1.51
N PHE A 27 -29.64 -15.57 1.56
CA PHE A 27 -28.73 -16.38 0.76
C PHE A 27 -28.05 -17.45 1.54
N ASP A 28 -28.29 -17.51 2.86
CA ASP A 28 -27.67 -18.54 3.66
C ASP A 28 -28.59 -19.77 3.62
N LYS A 29 -28.50 -20.57 2.57
CA LYS A 29 -29.52 -21.57 2.28
C LYS A 29 -29.29 -22.87 3.04
N ASP A 30 -28.06 -23.13 3.41
CA ASP A 30 -27.77 -24.25 4.26
C ASP A 30 -28.14 -24.05 5.76
N GLY A 31 -28.72 -22.88 6.14
CA GLY A 31 -28.93 -22.53 7.57
C GLY A 31 -27.64 -22.57 8.35
N ASP A 32 -26.57 -22.18 7.68
CA ASP A 32 -25.19 -22.45 8.07
C ASP A 32 -24.49 -21.20 8.61
N GLY A 33 -25.09 -20.06 8.39
CA GLY A 33 -24.41 -18.84 8.73
C GLY A 33 -23.42 -18.30 7.71
N THR A 34 -23.43 -18.89 6.48
CA THR A 34 -22.54 -18.44 5.43
C THR A 34 -23.25 -18.14 4.13
N ILE A 35 -22.61 -17.24 3.37
CA ILE A 35 -22.82 -17.09 1.92
C ILE A 35 -21.51 -17.45 1.17
N THR A 36 -21.60 -17.65 -0.14
CA THR A 36 -20.36 -17.81 -0.95
C THR A 36 -19.81 -16.47 -1.36
N THR A 37 -18.50 -16.40 -1.63
CA THR A 37 -17.84 -15.17 -2.09
C THR A 37 -18.39 -14.78 -3.48
N LYS A 38 -18.75 -15.80 -4.24
CA LYS A 38 -19.33 -15.59 -5.59
C LYS A 38 -20.65 -14.95 -5.52
N GLU A 39 -21.36 -15.05 -4.41
CA GLU A 39 -22.69 -14.39 -4.21
C GLU A 39 -22.61 -13.01 -3.61
N LEU A 40 -21.44 -12.58 -3.13
CA LEU A 40 -21.32 -11.32 -2.45
C LEU A 40 -21.92 -10.16 -3.28
N GLY A 41 -21.60 -10.09 -4.56
CA GLY A 41 -22.17 -9.01 -5.38
C GLY A 41 -23.69 -9.02 -5.47
N THR A 42 -24.26 -10.22 -5.62
CA THR A 42 -25.72 -10.41 -5.68
C THR A 42 -26.36 -9.89 -4.37
N VAL A 43 -25.71 -10.24 -3.25
CA VAL A 43 -26.18 -9.75 -1.96
C VAL A 43 -26.13 -8.26 -1.85
N MET A 44 -25.02 -7.64 -2.26
CA MET A 44 -24.93 -6.21 -2.15
CA MET A 44 -24.87 -6.20 -2.22
C MET A 44 -25.93 -5.53 -3.11
N ARG A 45 -26.11 -6.08 -4.33
CA ARG A 45 -27.15 -5.53 -5.20
C ARG A 45 -28.55 -5.68 -4.58
N SER A 46 -28.82 -6.80 -3.91
CA SER A 46 -30.12 -6.95 -3.24
C SER A 46 -30.35 -5.84 -2.22
N LEU A 47 -29.26 -5.26 -1.70
CA LEU A 47 -29.35 -4.15 -0.73
C LEU A 47 -29.35 -2.78 -1.43
N GLY A 48 -29.33 -2.72 -2.77
CA GLY A 48 -29.43 -1.46 -3.47
C GLY A 48 -28.07 -0.86 -3.67
N GLN A 49 -27.01 -1.64 -3.48
CA GLN A 49 -25.65 -1.16 -3.72
C GLN A 49 -25.19 -1.62 -5.10
N ASN A 50 -24.20 -0.92 -5.67
CA ASN A 50 -23.69 -1.23 -6.96
C ASN A 50 -22.18 -1.27 -7.01
N PRO A 51 -21.56 -2.25 -6.34
CA PRO A 51 -20.10 -2.24 -6.33
C PRO A 51 -19.54 -2.67 -7.69
N THR A 52 -18.34 -2.18 -8.02
CA THR A 52 -17.67 -2.59 -9.21
C THR A 52 -17.03 -3.91 -8.93
N GLU A 53 -16.56 -4.57 -9.99
CA GLU A 53 -15.85 -5.79 -9.85
C GLU A 53 -14.55 -5.58 -9.03
N ALA A 54 -13.89 -4.47 -9.29
CA ALA A 54 -12.63 -4.21 -8.65
C ALA A 54 -12.92 -4.08 -7.13
N GLU A 55 -13.98 -3.37 -6.77
CA GLU A 55 -14.34 -3.22 -5.34
C GLU A 55 -14.71 -4.54 -4.70
N LEU A 56 -15.43 -5.38 -5.43
CA LEU A 56 -15.79 -6.70 -4.91
C LEU A 56 -14.56 -7.58 -4.68
N GLN A 57 -13.57 -7.49 -5.56
CA GLN A 57 -12.30 -8.22 -5.37
C GLN A 57 -11.55 -7.78 -4.12
N ASP A 58 -11.52 -6.48 -3.87
CA ASP A 58 -10.94 -5.96 -2.63
C ASP A 58 -11.66 -6.51 -1.40
N MET A 59 -12.98 -6.51 -1.43
CA MET A 59 -13.80 -7.04 -0.34
C MET A 59 -13.54 -8.53 -0.09
N ILE A 60 -13.42 -9.28 -1.16
CA ILE A 60 -13.16 -10.69 -1.06
C ILE A 60 -11.77 -10.95 -0.49
N ASN A 61 -10.78 -10.11 -0.85
CA ASN A 61 -9.41 -10.21 -0.25
C ASN A 61 -9.45 -9.98 1.25
N GLU A 62 -10.40 -9.21 1.75
CA GLU A 62 -10.55 -9.00 3.21
C GLU A 62 -10.84 -10.26 3.97
N VAL A 63 -11.34 -11.27 3.27
CA VAL A 63 -11.90 -12.46 3.90
C VAL A 63 -11.34 -13.80 3.49
N ASP A 64 -10.62 -13.89 2.39
CA ASP A 64 -10.29 -15.20 1.85
C ASP A 64 -8.85 -15.65 2.14
N ALA A 65 -8.33 -15.23 3.29
CA ALA A 65 -6.92 -15.57 3.66
C ALA A 65 -6.64 -17.08 3.52
N ASP A 66 -7.57 -17.91 4.00
CA ASP A 66 -7.48 -19.39 3.93
C ASP A 66 -8.19 -20.02 2.69
N GLY A 67 -8.72 -19.20 1.79
CA GLY A 67 -9.21 -19.67 0.49
C GLY A 67 -10.54 -20.43 0.41
N ASP A 68 -11.20 -20.67 1.55
CA ASP A 68 -12.40 -21.50 1.54
C ASP A 68 -13.67 -20.96 0.80
N GLY A 69 -13.65 -19.72 0.32
CA GLY A 69 -14.78 -19.17 -0.50
C GLY A 69 -16.17 -19.04 0.12
N THR A 70 -16.25 -18.77 1.40
CA THR A 70 -17.47 -18.41 2.05
C THR A 70 -17.24 -17.17 2.93
N ILE A 71 -18.33 -16.54 3.41
CA ILE A 71 -18.28 -15.31 4.22
C ILE A 71 -19.34 -15.57 5.30
N ASP A 72 -19.00 -15.37 6.57
CA ASP A 72 -20.00 -15.48 7.68
C ASP A 72 -20.50 -14.10 7.99
N PHE A 73 -21.56 -14.02 8.77
CA PHE A 73 -22.16 -12.72 9.05
C PHE A 73 -21.25 -11.67 9.72
N PRO A 74 -20.44 -12.04 10.77
CA PRO A 74 -19.44 -11.07 11.27
C PRO A 74 -18.49 -10.54 10.21
N GLU A 75 -18.01 -11.43 9.33
CA GLU A 75 -17.16 -10.98 8.20
C GLU A 75 -17.89 -10.06 7.26
N PHE A 76 -19.16 -10.36 7.02
CA PHE A 76 -19.98 -9.47 6.24
C PHE A 76 -20.19 -8.14 6.92
N LEU A 77 -20.50 -8.15 8.24
CA LEU A 77 -20.62 -6.89 8.94
C LEU A 77 -19.39 -6.00 8.88
N THR A 78 -18.21 -6.61 9.03
CA THR A 78 -16.93 -5.87 8.99
C THR A 78 -16.75 -5.17 7.62
N MET A 79 -16.94 -5.94 6.55
CA MET A 79 -16.92 -5.39 5.20
C MET A 79 -17.85 -4.21 5.09
N MET A 80 -19.10 -4.39 5.46
CA MET A 80 -20.09 -3.34 5.38
C MET A 80 -19.70 -2.09 6.24
N ALA A 81 -19.25 -2.30 7.47
CA ALA A 81 -18.81 -1.22 8.34
C ALA A 81 -17.67 -0.41 7.68
N ARG A 82 -16.77 -1.13 7.03
CA ARG A 82 -15.73 -0.52 6.24
C ARG A 82 -16.37 0.25 5.08
N LYS A 83 -17.38 -0.30 4.41
CA LYS A 83 -18.02 0.41 3.28
C LYS A 83 -18.68 1.70 3.72
N MET A 84 -19.31 1.72 4.88
CA MET A 84 -20.01 2.95 5.21
C MET A 84 -19.03 3.97 5.75
N LYS A 85 -17.89 3.52 6.26
CA LYS A 85 -16.84 4.44 6.68
C LYS A 85 -16.19 5.01 5.39
N ASP A 86 -15.80 4.11 4.50
CA ASP A 86 -15.47 4.45 3.11
C ASP A 86 -16.37 5.56 2.54
N THR A 87 -15.73 6.56 1.91
CA THR A 87 -16.41 7.53 1.05
C THR A 87 -16.01 7.40 -0.43
N ASP A 88 -14.97 6.60 -0.70
CA ASP A 88 -14.28 6.55 -1.99
C ASP A 88 -14.89 5.52 -2.96
N SER A 89 -16.10 5.02 -2.69
CA SER A 89 -16.69 4.01 -3.60
C SER A 89 -17.08 4.70 -4.90
N GLU A 90 -16.99 3.97 -6.00
CA GLU A 90 -17.16 4.59 -7.30
C GLU A 90 -18.54 5.20 -7.48
N GLU A 91 -19.58 4.47 -7.06
CA GLU A 91 -20.99 4.87 -7.15
C GLU A 91 -21.21 6.20 -6.47
N GLU A 92 -20.75 6.30 -5.23
CA GLU A 92 -20.89 7.46 -4.38
C GLU A 92 -20.17 8.67 -4.97
N ILE A 93 -18.99 8.42 -5.52
CA ILE A 93 -18.18 9.51 -6.05
C ILE A 93 -18.82 10.11 -7.31
N ARG A 94 -19.18 9.25 -8.28
CA ARG A 94 -19.87 9.69 -9.49
C ARG A 94 -21.14 10.47 -9.14
N GLU A 95 -21.94 9.92 -8.23
CA GLU A 95 -23.18 10.56 -7.79
C GLU A 95 -22.93 12.06 -7.55
N ALA A 96 -21.99 12.36 -6.64
CA ALA A 96 -21.53 13.75 -6.39
C ALA A 96 -21.22 14.55 -7.67
N PHE A 97 -20.55 13.98 -8.65
CA PHE A 97 -20.33 14.71 -9.91
C PHE A 97 -21.63 14.93 -10.66
N ARG A 98 -22.52 13.92 -10.65
CA ARG A 98 -23.78 13.96 -11.42
C ARG A 98 -24.82 14.94 -10.88
N VAL A 99 -24.65 15.35 -9.64
CA VAL A 99 -25.30 16.53 -9.09
C VAL A 99 -25.06 17.79 -9.99
N PHE A 100 -24.32 17.69 -11.11
CA PHE A 100 -24.21 18.78 -12.09
C PHE A 100 -24.35 18.32 -13.55
N ASN A 145 -14.24 13.96 -19.29
CA ASN A 145 -13.72 15.23 -18.73
C ASN A 145 -13.60 15.26 -17.18
N TYR A 146 -14.56 14.81 -16.40
CA TYR A 146 -14.26 14.63 -14.97
C TYR A 146 -13.97 13.19 -14.62
N GLU A 147 -13.97 12.33 -15.62
CA GLU A 147 -13.75 10.92 -15.45
C GLU A 147 -12.34 10.60 -14.85
N GLU A 148 -11.32 11.35 -15.21
CA GLU A 148 -9.99 11.14 -14.64
C GLU A 148 -10.01 11.49 -13.16
N PHE A 149 -10.75 12.52 -12.78
CA PHE A 149 -10.92 12.82 -11.35
C PHE A 149 -11.56 11.68 -10.59
N VAL A 150 -12.64 11.13 -11.17
CA VAL A 150 -13.32 9.98 -10.55
C VAL A 150 -12.31 8.85 -10.39
N GLN A 151 -11.57 8.56 -11.45
CA GLN A 151 -10.59 7.46 -11.42
C GLN A 151 -9.57 7.70 -10.31
N MET A 152 -9.01 8.92 -10.24
CA MET A 152 -7.95 9.17 -9.24
C MET A 152 -8.43 9.04 -7.81
N MET A 153 -9.61 9.59 -7.55
CA MET A 153 -10.28 9.49 -6.26
C MET A 153 -10.66 8.06 -5.85
N THR A 154 -11.16 7.23 -6.77
CA THR A 154 -11.47 5.84 -6.41
C THR A 154 -10.20 4.98 -6.30
N ALA A 155 -9.08 5.43 -6.89
CA ALA A 155 -7.89 4.62 -6.89
C ALA A 155 -7.18 4.49 -5.51
N LYS A 156 -7.44 5.40 -4.58
CA LYS A 156 -6.76 5.47 -3.29
C LYS A 156 -5.23 5.42 -3.45
N LEU A 157 -4.69 6.41 -4.14
CA LEU A 157 -3.25 6.43 -4.37
C LEU A 157 -2.47 6.39 -3.04
N GLU A 158 -1.42 5.56 -3.03
CA GLU A 158 -0.54 5.38 -1.84
C GLU A 158 -1.22 4.64 -0.68
N CYS A 159 -2.35 3.98 -0.93
CA CYS A 159 -2.97 3.19 0.11
C CYS A 159 -2.74 1.71 -0.17
N GLU A 160 -1.88 1.10 0.65
CA GLU A 160 -1.51 -0.26 0.50
C GLU A 160 -2.57 -1.16 1.17
N LYS A 161 -3.13 -2.07 0.36
CA LYS A 161 -4.04 -3.06 0.91
C LYS A 161 -3.30 -4.32 1.31
N MET A 162 -3.32 -4.60 2.61
CA MET A 162 -2.56 -5.67 3.20
C MET A 162 -3.44 -6.94 3.50
N TYR A 163 -3.18 -8.03 2.83
CA TYR A 163 -3.97 -9.23 2.97
C TYR A 163 -3.10 -10.49 2.82
N VAL A 164 -3.66 -11.62 3.24
CA VAL A 164 -2.97 -12.94 3.05
C VAL A 164 -3.54 -13.72 1.86
N ARG A 165 -2.67 -14.15 0.96
CA ARG A 165 -3.04 -14.91 -0.24
C ARG A 165 -2.12 -16.14 -0.31
N ASP A 166 -2.70 -17.31 -0.03
CA ASP A 166 -1.95 -18.57 -0.09
C ASP A 166 -0.86 -18.52 0.96
N GLY A 167 -1.17 -18.04 2.14
CA GLY A 167 -0.19 -18.03 3.22
C GLY A 167 0.93 -16.99 3.11
N VAL A 168 0.85 -16.05 2.14
CA VAL A 168 1.83 -14.96 2.05
C VAL A 168 1.19 -13.59 2.19
N LEU A 169 1.74 -12.82 3.13
CA LEU A 169 1.34 -11.44 3.37
C LEU A 169 1.72 -10.61 2.17
N THR A 170 0.70 -9.98 1.63
CA THR A 170 0.79 -9.32 0.33
C THR A 170 0.22 -7.93 0.47
N GLY A 171 0.88 -6.98 -0.19
CA GLY A 171 0.29 -5.67 -0.27
C GLY A 171 0.12 -5.13 -1.66
N ASP A 172 -1.05 -4.64 -1.98
CA ASP A 172 -1.32 -4.12 -3.30
C ASP A 172 -1.53 -2.64 -3.19
N ILE A 173 -0.97 -1.88 -4.15
CA ILE A 173 -1.17 -0.42 -4.13
C ILE A 173 -1.40 0.07 -5.55
N HIS A 174 -2.31 1.01 -5.70
CA HIS A 174 -2.44 1.84 -6.92
C HIS A 174 -1.56 3.08 -6.73
N MET A 175 -0.63 3.32 -7.66
CA MET A 175 0.28 4.41 -7.59
C MET A 175 0.33 5.16 -8.93
N ALA A 176 0.66 6.45 -8.89
CA ALA A 176 0.81 7.27 -10.12
C ALA A 176 1.78 8.40 -9.91
N LEU A 177 2.63 8.57 -10.91
CA LEU A 177 3.58 9.67 -10.98
C LEU A 177 2.97 10.82 -11.70
N LEU A 178 3.09 12.00 -11.09
CA LEU A 178 2.65 13.23 -11.72
C LEU A 178 3.79 13.58 -12.70
N LEU A 179 3.46 13.83 -13.95
CA LEU A 179 4.48 14.23 -14.94
C LEU A 179 4.40 15.74 -15.22
N GLU A 180 5.51 16.27 -15.72
CA GLU A 180 5.58 17.61 -16.34
C GLU A 180 4.44 17.73 -17.27
N GLY A 181 3.70 18.81 -17.18
CA GLY A 181 2.56 19.01 -18.03
C GLY A 181 1.30 18.51 -17.40
N ASN A 182 1.40 17.86 -16.22
CA ASN A 182 0.23 17.47 -15.43
C ASN A 182 -0.36 16.15 -15.87
N ALA A 183 0.26 15.44 -16.79
CA ALA A 183 -0.14 14.08 -16.98
C ALA A 183 0.13 13.15 -15.73
N HIS A 184 -0.65 12.09 -15.69
CA HIS A 184 -0.65 11.00 -14.65
C HIS A 184 -0.17 9.65 -15.28
N TYR A 185 0.83 9.03 -14.66
CA TYR A 185 1.51 7.86 -15.22
C TYR A 185 1.32 6.74 -14.17
N ARG A 186 0.45 5.79 -14.44
CA ARG A 186 0.03 4.79 -13.46
C ARG A 186 0.92 3.58 -13.28
N CYS A 187 0.90 3.04 -12.06
CA CYS A 187 1.72 1.89 -11.74
C CYS A 187 0.98 1.06 -10.71
N ASP A 188 0.88 -0.24 -10.93
CA ASP A 188 0.44 -1.16 -9.90
C ASP A 188 1.65 -1.78 -9.17
N PHE A 189 1.59 -1.71 -7.84
CA PHE A 189 2.51 -2.38 -6.95
C PHE A 189 1.92 -3.62 -6.33
N ARG A 190 2.70 -4.69 -6.30
CA ARG A 190 2.39 -5.87 -5.48
C ARG A 190 3.63 -6.25 -4.75
N THR A 191 3.53 -6.33 -3.43
CA THR A 191 4.68 -6.65 -2.60
C THR A 191 4.32 -7.86 -1.76
N THR A 192 5.28 -8.80 -1.62
CA THR A 192 5.14 -9.92 -0.70
C THR A 192 6.17 -9.75 0.35
N TYR A 193 5.76 -10.08 1.57
CA TYR A 193 6.54 -9.86 2.76
C TYR A 193 6.73 -11.19 3.54
N LYS A 194 7.92 -11.48 4.02
CA LYS A 194 8.15 -12.75 4.74
C LYS A 194 9.21 -12.60 5.82
N ALA A 195 8.80 -12.83 7.05
CA ALA A 195 9.68 -12.83 8.16
C ALA A 195 10.71 -13.98 8.04
N LYS A 196 11.91 -13.73 8.47
CA LYS A 196 13.00 -14.68 8.49
C LYS A 196 12.72 -15.79 9.51
N GLU A 197 12.14 -15.44 10.64
CA GLU A 197 11.83 -16.38 11.72
C GLU A 197 10.51 -17.09 11.43
N LYS A 198 10.56 -18.39 11.59
CA LYS A 198 9.45 -19.28 11.26
C LYS A 198 8.06 -18.99 11.87
N GLY A 199 7.96 -18.69 13.15
CA GLY A 199 6.59 -18.69 13.66
C GLY A 199 5.87 -17.35 13.71
N VAL A 200 6.19 -16.37 12.84
CA VAL A 200 5.62 -15.02 13.06
C VAL A 200 4.20 -15.03 12.50
N LYS A 201 3.27 -14.55 13.29
CA LYS A 201 1.86 -14.67 12.98
C LYS A 201 1.40 -13.57 12.01
N LEU A 202 0.65 -14.00 11.00
CA LEU A 202 0.26 -13.16 9.92
C LEU A 202 -0.82 -12.29 10.42
N PRO A 203 -0.87 -10.99 9.98
CA PRO A 203 -1.93 -10.05 10.41
C PRO A 203 -3.23 -10.29 9.67
N GLY A 204 -4.29 -9.70 10.17
CA GLY A 204 -5.53 -9.62 9.45
C GLY A 204 -5.45 -8.52 8.44
N TYR A 205 -6.52 -8.44 7.67
CA TYR A 205 -6.66 -7.48 6.60
C TYR A 205 -6.59 -6.08 7.12
N HIS A 206 -5.86 -5.20 6.44
CA HIS A 206 -5.77 -3.81 6.85
C HIS A 206 -5.17 -2.97 5.74
N PHE A 207 -5.08 -1.65 5.95
CA PHE A 207 -4.46 -0.71 5.02
C PHE A 207 -3.26 -0.02 5.66
N VAL A 208 -2.29 0.35 4.82
CA VAL A 208 -1.24 1.25 5.20
C VAL A 208 -1.31 2.42 4.26
N ASP A 209 -1.66 3.58 4.81
CA ASP A 209 -1.64 4.86 4.10
C ASP A 209 -0.24 5.45 4.14
N HIS A 210 0.35 5.56 2.97
CA HIS A 210 1.76 6.03 2.80
C HIS A 210 1.82 7.46 2.25
N CYS A 211 2.91 8.19 2.51
CA CYS A 211 3.13 9.49 1.84
C CYS A 211 4.63 9.62 1.67
N ILE A 212 5.13 9.50 0.45
CA ILE A 212 6.58 9.49 0.21
C ILE A 212 6.89 10.80 -0.59
N GLU A 213 7.96 11.51 -0.23
CA GLU A 213 8.37 12.67 -1.02
C GLU A 213 9.86 12.91 -0.97
N ILE A 214 10.38 13.51 -2.05
CA ILE A 214 11.72 13.99 -2.09
C ILE A 214 11.79 15.36 -1.43
N LEU A 215 12.53 15.50 -0.35
CA LEU A 215 12.66 16.81 0.35
C LEU A 215 13.70 17.69 -0.34
N SER A 216 14.80 17.10 -0.82
CA SER A 216 15.84 17.89 -1.51
C SER A 216 16.65 17.00 -2.45
N HIS A 217 17.19 17.58 -3.52
CA HIS A 217 18.14 16.86 -4.32
C HIS A 217 19.08 17.83 -5.05
N ASP A 218 20.23 17.34 -5.42
CA ASP A 218 21.06 18.10 -6.37
C ASP A 218 20.56 17.95 -7.79
N LYS A 219 21.17 18.69 -8.74
CA LYS A 219 20.61 18.86 -10.11
C LYS A 219 20.50 17.51 -10.83
N ASP A 220 21.56 16.72 -10.71
CA ASP A 220 21.65 15.39 -11.34
C ASP A 220 21.07 14.21 -10.53
N TYR A 221 20.57 14.53 -9.30
CA TYR A 221 20.03 13.58 -8.35
C TYR A 221 21.10 12.59 -7.95
N ASN A 222 22.38 13.03 -7.90
CA ASN A 222 23.42 12.24 -7.25
C ASN A 222 23.27 12.20 -5.75
N LYS A 223 22.64 13.24 -5.16
CA LYS A 223 22.31 13.32 -3.75
C LYS A 223 20.84 13.68 -3.58
N VAL A 224 20.13 12.90 -2.74
CA VAL A 224 18.68 12.97 -2.60
C VAL A 224 18.36 12.78 -1.10
N LYS A 225 17.52 13.67 -0.55
CA LYS A 225 17.00 13.45 0.79
C LYS A 225 15.53 13.07 0.65
N LEU A 226 15.15 12.00 1.34
CA LEU A 226 13.85 11.37 1.12
C LEU A 226 13.14 11.20 2.43
N TYR A 227 11.81 11.25 2.38
CA TYR A 227 10.94 11.22 3.56
C TYR A 227 9.70 10.34 3.26
N GLU A 228 9.26 9.62 4.29
CA GLU A 228 8.02 8.90 4.17
C GLU A 228 7.33 8.95 5.50
N HIS A 229 6.01 9.01 5.44
CA HIS A 229 5.21 8.93 6.64
C HIS A 229 4.10 7.93 6.36
N ALA A 230 3.98 6.89 7.20
CA ALA A 230 3.01 5.86 6.99
C ALA A 230 2.24 5.47 8.26
N VAL A 231 0.95 5.20 8.07
CA VAL A 231 0.00 4.95 9.17
C VAL A 231 -0.89 3.77 8.81
N ALA A 232 -0.97 2.80 9.71
CA ALA A 232 -1.83 1.62 9.37
C ALA A 232 -3.23 1.84 9.96
N HIS A 233 -4.27 1.33 9.29
CA HIS A 233 -5.60 1.50 9.88
C HIS A 233 -6.49 0.43 9.30
N SER A 234 -7.58 0.15 10.00
CA SER A 234 -8.56 -0.89 9.56
C SER A 234 -9.63 -0.38 8.60
N GLY A 235 -9.79 0.94 8.52
CA GLY A 235 -10.81 1.57 7.71
C GLY A 235 -12.16 1.43 8.40
N LEU A 236 -12.18 0.94 9.63
CA LEU A 236 -13.44 0.83 10.41
C LEU A 236 -13.78 2.09 11.16
N MET A 249 4.51 -1.36 21.78
CA MET A 249 5.98 -1.19 21.80
C MET A 249 6.77 -2.44 22.13
N VAL A 250 7.75 -2.80 21.30
CA VAL A 250 8.44 -4.07 21.47
C VAL A 250 9.91 -3.88 21.67
N SER A 251 10.50 -4.82 22.38
CA SER A 251 11.84 -4.66 22.85
C SER A 251 12.87 -4.59 21.72
N ALA A 252 12.74 -5.40 20.66
CA ALA A 252 13.69 -5.31 19.61
C ALA A 252 13.67 -3.97 18.84
N ILE A 253 12.65 -3.15 18.99
CA ILE A 253 12.52 -1.97 18.16
C ILE A 253 12.46 -0.72 18.99
N LYS A 254 13.48 0.09 18.83
CA LYS A 254 13.62 1.30 19.64
C LYS A 254 12.85 2.44 18.97
N PRO A 255 12.39 3.43 19.77
CA PRO A 255 11.73 4.63 19.28
C PRO A 255 12.52 5.44 18.26
N ASP A 256 13.85 5.38 18.32
CA ASP A 256 14.70 6.09 17.36
C ASP A 256 15.64 5.07 16.78
N MET A 257 15.64 4.89 15.48
CA MET A 257 16.50 3.90 14.88
C MET A 257 17.26 4.53 13.77
N LYS A 258 18.35 3.87 13.41
CA LYS A 258 19.15 4.30 12.29
C LYS A 258 18.97 3.33 11.14
N ILE A 259 19.22 3.84 9.96
CA ILE A 259 19.06 3.08 8.74
C ILE A 259 20.33 3.17 7.85
N LYS A 260 20.86 2.02 7.48
CA LYS A 260 21.91 1.92 6.48
C LYS A 260 21.41 1.05 5.32
N LEU A 261 21.69 1.46 4.08
CA LEU A 261 21.14 0.83 2.92
C LEU A 261 22.15 0.88 1.79
N ARG A 262 22.19 -0.20 1.03
CA ARG A 262 22.90 -0.29 -0.24
CA ARG A 262 22.88 -0.25 -0.27
C ARG A 262 21.99 -0.83 -1.32
N MET A 263 21.84 -0.11 -2.42
CA MET A 263 21.03 -0.64 -3.52
C MET A 263 21.91 -0.90 -4.73
N GLU A 264 21.76 -2.06 -5.36
CA GLU A 264 22.35 -2.33 -6.64
C GLU A 264 21.30 -2.56 -7.63
N GLY A 265 21.40 -1.91 -8.75
CA GLY A 265 20.38 -2.10 -9.74
C GLY A 265 20.77 -1.89 -11.19
N ASN A 266 19.76 -2.06 -11.99
CA ASN A 266 19.87 -2.03 -13.37
C ASN A 266 18.51 -1.60 -13.91
N VAL A 267 18.46 -0.51 -14.67
CA VAL A 267 17.23 -0.13 -15.32
C VAL A 267 17.49 0.11 -16.81
N ASN A 268 16.74 -0.59 -17.67
CA ASN A 268 17.00 -0.64 -19.10
C ASN A 268 18.46 -0.84 -19.40
N GLY A 269 19.11 -1.72 -18.63
CA GLY A 269 20.49 -2.08 -18.87
C GLY A 269 21.46 -1.12 -18.22
N HIS A 270 21.01 0.05 -17.73
CA HIS A 270 21.89 0.94 -17.05
C HIS A 270 22.12 0.54 -15.56
N HIS A 271 23.36 0.26 -15.20
CA HIS A 271 23.72 -0.21 -13.87
C HIS A 271 24.02 0.93 -12.93
N PHE A 272 23.66 0.77 -11.64
CA PHE A 272 23.98 1.76 -10.65
C PHE A 272 24.11 1.19 -9.26
N VAL A 273 24.80 1.89 -8.41
CA VAL A 273 24.85 1.58 -6.98
C VAL A 273 24.53 2.88 -6.18
N ILE A 274 23.65 2.77 -5.16
CA ILE A 274 23.24 3.89 -4.33
C ILE A 274 23.31 3.49 -2.89
N ASP A 275 23.96 4.33 -2.07
CA ASP A 275 24.02 4.15 -0.64
C ASP A 275 23.02 5.10 0.08
N GLY A 276 22.49 4.64 1.20
CA GLY A 276 21.51 5.46 1.93
C GLY A 276 21.99 5.46 3.36
N ASP A 277 21.81 6.59 3.99
CA ASP A 277 21.99 6.70 5.42
C ASP A 277 20.84 7.50 6.06
N GLY A 278 20.13 6.90 7.01
CA GLY A 278 18.97 7.61 7.54
C GLY A 278 18.63 7.38 8.97
N THR A 279 17.50 7.95 9.40
CA THR A 279 16.96 7.78 10.75
C THR A 279 15.45 7.76 10.64
N GLY A 280 14.84 7.18 11.61
CA GLY A 280 13.42 7.21 11.68
C GLY A 280 12.91 6.89 13.05
N LYS A 281 11.58 6.97 13.16
CA LYS A 281 10.78 6.65 14.36
C LYS A 281 9.71 5.60 14.07
N PRO A 282 10.02 4.34 14.39
CA PRO A 282 9.19 3.24 13.93
C PRO A 282 7.79 3.37 14.43
N TYR A 283 7.64 3.90 15.65
CA TYR A 283 6.28 3.92 16.26
C TYR A 283 5.48 5.07 15.77
N GLU A 284 6.13 6.07 15.13
CA GLU A 284 5.39 7.19 14.55
C GLU A 284 5.20 7.02 13.07
N GLY A 285 5.82 5.99 12.49
CA GLY A 285 5.75 5.81 11.09
C GLY A 285 6.48 6.78 10.18
N LYS A 286 7.63 7.28 10.62
CA LYS A 286 8.32 8.32 9.91
C LYS A 286 9.77 7.98 9.77
N GLN A 287 10.33 8.32 8.59
CA GLN A 287 11.76 8.10 8.38
C GLN A 287 12.25 9.09 7.36
N THR A 288 13.53 9.42 7.51
CA THR A 288 14.22 10.20 6.47
C THR A 288 15.51 9.58 6.07
N MET A 289 15.92 9.77 4.83
CA MET A 289 17.21 9.19 4.42
C MET A 289 17.89 10.10 3.43
N ASP A 290 19.22 10.09 3.51
CA ASP A 290 20.06 10.72 2.54
C ASP A 290 20.70 9.65 1.67
N LEU A 291 20.54 9.84 0.37
CA LEU A 291 20.98 8.90 -0.60
C LEU A 291 22.10 9.55 -1.44
N GLU A 292 23.11 8.75 -1.80
CA GLU A 292 24.17 9.17 -2.69
C GLU A 292 24.43 8.08 -3.73
N VAL A 293 24.37 8.46 -5.01
CA VAL A 293 24.73 7.57 -6.09
C VAL A 293 26.24 7.32 -6.04
N LYS A 294 26.63 6.08 -6.02
CA LYS A 294 28.05 5.73 -5.85
C LYS A 294 28.64 5.22 -7.15
N GLU A 295 27.80 4.69 -8.04
CA GLU A 295 28.23 4.30 -9.36
C GLU A 295 27.07 4.44 -10.29
N GLY A 296 27.39 4.73 -11.54
CA GLY A 296 26.37 4.82 -12.62
C GLY A 296 25.77 6.20 -12.75
N GLY A 297 26.27 7.16 -11.99
CA GLY A 297 25.71 8.52 -12.08
C GLY A 297 26.32 9.32 -13.23
N PRO A 298 25.65 10.38 -13.67
CA PRO A 298 24.31 10.85 -13.31
C PRO A 298 23.30 9.88 -13.84
N LEU A 299 22.30 9.51 -13.03
CA LEU A 299 21.35 8.50 -13.47
C LEU A 299 20.60 8.95 -14.65
N PRO A 300 20.45 8.08 -15.63
CA PRO A 300 19.73 8.39 -16.90
C PRO A 300 18.24 8.07 -16.94
N PHE A 301 17.60 8.05 -15.79
CA PHE A 301 16.21 7.79 -15.75
C PHE A 301 15.68 8.47 -14.49
N ALA A 302 14.36 8.50 -14.39
CA ALA A 302 13.63 9.20 -13.29
C ALA A 302 13.96 8.56 -11.93
N PHE A 303 14.55 9.32 -11.04
CA PHE A 303 14.93 8.83 -9.73
C PHE A 303 13.73 8.37 -8.91
N ASP A 304 12.58 8.99 -9.18
CA ASP A 304 11.33 8.64 -8.53
C ASP A 304 10.98 7.15 -8.61
N ILE A 305 11.32 6.47 -9.73
CA ILE A 305 10.99 5.02 -9.72
C ILE A 305 11.71 4.19 -8.66
N LEU A 306 12.81 4.71 -8.09
CA LEU A 306 13.49 4.02 -7.05
C LEU A 306 13.01 4.27 -5.64
N THR A 307 12.27 5.34 -5.40
CA THR A 307 12.23 5.86 -4.04
C THR A 307 11.44 4.98 -3.07
N THR A 308 10.40 4.33 -3.57
CA THR A 308 9.69 3.34 -2.68
C THR A 308 10.47 2.08 -2.41
N ALA A 309 11.56 1.87 -3.13
CA ALA A 309 12.50 0.80 -2.74
C ALA A 309 13.42 1.23 -1.64
N PHE A 310 13.64 2.53 -1.50
CA PHE A 310 14.41 2.99 -0.37
C PHE A 310 13.52 3.06 0.89
N ASN A 312 10.61 0.01 4.08
CA ASN A 312 10.68 -0.89 5.22
C ASN A 312 9.44 -0.56 6.03
N ARG A 313 8.53 -1.52 6.07
CA ARG A 313 7.27 -1.44 6.69
C ARG A 313 7.29 -1.54 8.19
N VAL A 314 8.49 -1.66 8.77
CA VAL A 314 8.69 -1.27 10.18
C VAL A 314 8.29 0.20 10.48
N PHE A 315 8.43 1.09 9.48
CA PHE A 315 8.21 2.48 9.69
C PHE A 315 6.78 2.81 9.37
N VAL A 316 5.88 2.32 10.22
CA VAL A 316 4.44 2.44 10.04
C VAL A 316 3.91 2.52 11.48
N LYS A 317 3.07 3.49 11.73
CA LYS A 317 2.34 3.58 12.99
C LYS A 317 1.15 2.62 12.97
N TYR A 318 1.24 1.53 13.72
CA TYR A 318 0.18 0.52 13.85
C TYR A 318 -0.60 0.75 15.13
N PRO A 319 -1.94 0.73 15.06
CA PRO A 319 -2.74 0.76 16.29
C PRO A 319 -2.76 -0.62 16.96
N ASP A 320 -3.27 -0.68 18.19
CA ASP A 320 -3.12 -1.94 18.95
C ASP A 320 -4.07 -3.04 18.48
N ASN A 321 -5.05 -2.73 17.63
CA ASN A 321 -5.95 -3.80 17.15
C ASN A 321 -5.63 -4.36 15.78
N ILE A 322 -4.40 -4.09 15.33
CA ILE A 322 -3.83 -4.70 14.13
C ILE A 322 -2.49 -5.28 14.49
N GLN A 323 -2.30 -6.55 14.15
CA GLN A 323 -1.06 -7.22 14.30
C GLN A 323 0.02 -6.54 13.39
N ASP A 324 1.09 -6.18 14.03
CA ASP A 324 2.26 -5.57 13.38
C ASP A 324 3.32 -6.62 13.01
N TYR A 325 3.16 -7.16 11.82
CA TYR A 325 3.98 -8.30 11.44
C TYR A 325 5.42 -7.82 11.40
N PHE A 326 5.58 -6.55 11.02
CA PHE A 326 6.93 -6.03 10.76
C PHE A 326 7.71 -5.84 12.07
N LYS A 327 7.12 -5.24 13.06
CA LYS A 327 7.92 -5.00 14.26
C LYS A 327 8.18 -6.35 14.99
N GLN A 328 7.27 -7.30 14.82
CA GLN A 328 7.36 -8.65 15.36
C GLN A 328 8.39 -9.50 14.62
N SER A 329 8.85 -9.12 13.41
CA SER A 329 9.86 -9.90 12.69
CA SER A 329 9.87 -9.89 12.68
C SER A 329 11.29 -9.66 13.16
N PHE A 330 11.45 -8.77 14.12
CA PHE A 330 12.79 -8.41 14.58
C PHE A 330 13.07 -9.07 15.94
N PRO A 331 14.34 -9.33 16.26
CA PRO A 331 15.60 -8.91 15.60
C PRO A 331 16.06 -9.59 14.31
N LYS A 332 15.52 -10.75 13.97
CA LYS A 332 16.05 -11.55 12.84
C LYS A 332 15.74 -10.89 11.48
N GLY A 333 14.59 -10.25 11.38
CA GLY A 333 14.32 -9.42 10.21
C GLY A 333 13.32 -10.04 9.26
N TYR A 334 13.20 -9.41 8.09
CA TYR A 334 12.31 -9.94 7.08
C TYR A 334 12.76 -9.47 5.72
N SER A 335 12.11 -9.99 4.70
CA SER A 335 12.46 -9.64 3.35
C SER A 335 11.18 -9.28 2.61
N TRP A 336 11.29 -8.47 1.59
CA TRP A 336 10.16 -8.26 0.69
C TRP A 336 10.59 -8.32 -0.74
N GLU A 337 9.64 -8.68 -1.59
CA GLU A 337 9.81 -8.66 -3.01
C GLU A 337 8.65 -8.01 -3.66
N ARG A 338 8.90 -7.29 -4.76
CA ARG A 338 7.84 -6.41 -5.32
C ARG A 338 7.85 -6.48 -6.79
N SER A 339 6.67 -6.38 -7.40
CA SER A 339 6.62 -6.03 -8.81
C SER A 339 6.01 -4.67 -8.95
N MET A 340 6.42 -3.96 -9.99
CA MET A 340 5.87 -2.64 -10.35
C MET A 340 5.54 -2.73 -11.84
N THR A 341 4.27 -2.47 -12.17
CA THR A 341 3.78 -2.56 -13.52
C THR A 341 3.23 -1.25 -13.98
N PHE A 342 3.89 -0.65 -14.96
CA PHE A 342 3.56 0.68 -15.43
C PHE A 342 2.72 0.65 -16.69
N GLU A 343 1.97 1.71 -16.88
CA GLU A 343 0.97 1.78 -17.93
C GLU A 343 1.51 1.65 -19.37
N ASP A 344 2.76 2.02 -19.62
CA ASP A 344 3.37 1.99 -20.97
C ASP A 344 4.29 0.74 -21.17
N GLY A 345 4.13 -0.27 -20.32
CA GLY A 345 4.86 -1.50 -20.36
C GLY A 345 6.09 -1.61 -19.48
N GLY A 346 6.56 -0.54 -18.85
CA GLY A 346 7.73 -0.67 -18.05
C GLY A 346 7.41 -1.64 -16.94
N ILE A 347 8.42 -2.39 -16.46
CA ILE A 347 8.24 -3.40 -15.44
C ILE A 347 9.43 -3.33 -14.55
N CYS A 348 9.20 -3.40 -13.24
CA CYS A 348 10.28 -3.58 -12.30
C CYS A 348 10.09 -4.75 -11.36
N TYR A 349 11.23 -5.23 -10.90
CA TYR A 349 11.30 -6.11 -9.74
C TYR A 349 12.24 -5.49 -8.75
N ALA A 350 11.87 -5.50 -7.46
CA ALA A 350 12.77 -5.15 -6.44
C ALA A 350 12.68 -6.06 -5.24
N ARG A 351 13.77 -6.07 -4.46
CA ARG A 351 13.81 -6.87 -3.30
C ARG A 351 14.61 -6.15 -2.26
N ASN A 352 14.18 -6.28 -1.01
CA ASN A 352 14.95 -5.85 0.13
C ASN A 352 15.05 -6.91 1.20
N ASP A 353 16.27 -7.18 1.65
CA ASP A 353 16.49 -8.08 2.76
C ASP A 353 16.95 -7.19 3.90
N ILE A 354 16.16 -7.16 4.96
CA ILE A 354 16.28 -6.24 6.07
C ILE A 354 16.73 -6.96 7.37
N THR A 355 17.88 -6.54 7.92
CA THR A 355 18.39 -7.11 9.16
C THR A 355 18.60 -5.97 10.11
N MET A 356 18.94 -6.32 11.35
CA MET A 356 19.12 -5.27 12.39
C MET A 356 20.36 -5.62 13.25
N GLU A 357 21.12 -4.59 13.61
CA GLU A 357 22.12 -4.77 14.63
C GLU A 357 21.89 -3.61 15.57
N GLY A 358 21.45 -3.91 16.76
CA GLY A 358 21.18 -2.87 17.76
C GLY A 358 20.11 -1.90 17.24
N ASP A 359 20.43 -0.62 17.25
CA ASP A 359 19.46 0.40 16.87
C ASP A 359 19.49 0.73 15.37
N THR A 360 20.16 -0.11 14.56
CA THR A 360 20.34 0.15 13.14
C THR A 360 19.76 -0.97 12.22
N PHE A 361 18.89 -0.59 11.26
CA PHE A 361 18.48 -1.53 10.25
C PHE A 361 19.48 -1.48 9.11
N TYR A 362 19.75 -2.65 8.55
CA TYR A 362 20.60 -2.80 7.39
C TYR A 362 19.69 -3.29 6.25
N ASN A 363 19.84 -2.70 5.09
CA ASN A 363 18.96 -2.99 3.94
C ASN A 363 19.79 -3.34 2.76
N LYS A 364 19.61 -4.56 2.23
CA LYS A 364 20.29 -4.94 1.02
C LYS A 364 19.28 -4.92 -0.10
N VAL A 365 19.36 -3.97 -0.99
CA VAL A 365 18.29 -3.72 -1.91
C VAL A 365 18.76 -4.08 -3.32
N ARG A 366 17.88 -4.72 -4.07
CA ARG A 366 18.12 -4.98 -5.50
C ARG A 366 16.96 -4.44 -6.29
N PHE A 367 17.24 -3.83 -7.43
CA PHE A 367 16.24 -3.23 -8.21
C PHE A 367 16.52 -3.59 -9.68
N TYR A 368 15.50 -4.02 -10.38
CA TYR A 368 15.60 -4.35 -11.82
C TYR A 368 14.43 -3.72 -12.56
N GLY A 369 14.72 -2.86 -13.54
CA GLY A 369 13.63 -2.34 -14.39
C GLY A 369 13.99 -2.59 -15.86
N THR A 370 12.99 -2.96 -16.63
CA THR A 370 13.10 -3.09 -18.09
C THR A 370 11.87 -2.66 -18.82
N ASN A 371 12.03 -2.63 -20.13
CA ASN A 371 10.96 -2.37 -21.05
C ASN A 371 10.39 -0.99 -20.94
N PHE A 372 11.16 -0.01 -20.44
CA PHE A 372 10.69 1.35 -20.40
C PHE A 372 10.97 1.95 -21.76
N PRO A 373 9.96 2.57 -22.41
CA PRO A 373 10.20 3.24 -23.72
C PRO A 373 11.30 4.30 -23.64
N ALA A 374 12.25 4.28 -24.59
CA ALA A 374 13.32 5.29 -24.66
C ALA A 374 12.74 6.66 -24.58
N ASN A 375 11.53 6.79 -25.04
CA ASN A 375 10.91 8.06 -25.19
C ASN A 375 9.92 8.39 -24.04
N GLY A 376 9.72 7.47 -23.12
CA GLY A 376 8.69 7.67 -22.09
C GLY A 376 9.21 8.55 -20.94
N PRO A 377 8.34 8.86 -19.98
CA PRO A 377 8.69 9.76 -18.88
C PRO A 377 9.80 9.29 -17.99
N VAL A 378 9.91 7.98 -17.79
CA VAL A 378 10.98 7.45 -16.97
C VAL A 378 12.32 7.65 -17.65
N MET A 379 12.50 7.19 -18.89
CA MET A 379 13.86 7.36 -19.48
C MET A 379 14.08 8.83 -19.87
N GLN A 380 13.04 9.64 -19.95
CA GLN A 380 13.29 11.08 -20.24
C GLN A 380 13.35 11.95 -18.99
N LYS A 381 13.26 11.37 -17.81
CA LYS A 381 13.30 12.17 -16.55
C LYS A 381 12.21 13.23 -16.53
N LYS A 382 11.00 12.84 -16.85
CA LYS A 382 9.85 13.79 -16.83
C LYS A 382 8.89 13.67 -15.64
N THR A 383 9.27 12.99 -14.56
CA THR A 383 8.36 12.80 -13.41
C THR A 383 8.62 13.90 -12.43
N LEU A 384 7.59 14.25 -11.65
CA LEU A 384 7.66 15.26 -10.61
C LEU A 384 7.59 14.65 -9.24
N LYS A 385 6.74 13.61 -9.05
CA LYS A 385 6.57 12.94 -7.76
C LYS A 385 5.56 11.84 -7.88
N TRP A 386 5.51 11.04 -6.81
CA TRP A 386 4.40 10.07 -6.67
C TRP A 386 3.27 10.87 -6.15
N MET A 387 2.13 10.75 -6.77
CA MET A 387 0.95 11.55 -6.40
C MET A 387 0.36 11.04 -5.11
N PRO A 388 0.00 11.99 -4.20
CA PRO A 388 -0.64 11.60 -2.96
C PRO A 388 -2.09 11.23 -3.17
N SER A 389 -2.70 10.69 -2.13
CA SER A 389 -4.08 10.31 -2.24
C SER A 389 -4.95 11.55 -2.60
N TRP A 390 -5.93 11.38 -3.48
CA TRP A 390 -6.82 12.51 -3.87
C TRP A 390 -7.98 12.61 -2.92
N THR A 391 -8.12 11.69 -1.98
CA THR A 391 -9.09 11.90 -0.89
C THR A 391 -8.37 11.86 0.41
N ARG A 392 -8.53 12.89 1.22
CA ARG A 392 -7.86 12.88 2.55
C ARG A 392 -8.98 12.60 3.56
N SER A 393 -8.63 12.06 4.71
CA SER A 393 -9.54 12.18 5.86
C SER A 393 -9.27 13.52 6.49
N SER A 394 -10.29 14.36 6.56
CA SER A 394 -10.25 15.51 7.46
C SER A 394 -10.50 14.88 8.86
N ARG A 395 -9.57 15.15 9.77
CA ARG A 395 -9.33 14.32 10.94
C ARG A 395 -10.29 14.67 12.05
N ARG A 396 -10.07 14.08 13.23
CA ARG A 396 -10.81 14.45 14.44
C ARG A 396 -10.42 15.90 14.80
N LYS A 397 -11.40 16.70 15.19
CA LYS A 397 -11.14 17.97 15.87
C LYS A 397 -10.39 17.70 17.17
N TRP A 398 -9.59 18.67 17.59
CA TRP A 398 -8.83 18.58 18.76
C TRP A 398 -9.63 18.10 19.98
N ASN A 399 -10.89 18.52 20.10
CA ASN A 399 -11.63 18.18 21.31
C ASN A 399 -11.88 16.65 21.42
N LYS A 400 -11.90 15.97 20.29
CA LYS A 400 -12.02 14.47 20.26
C LYS A 400 -10.62 13.73 20.22
N THR A 401 -9.56 14.45 20.54
CA THR A 401 -8.15 14.06 20.51
C THR A 401 -7.69 13.74 19.11
#